data_5RPK
#
_entry.id   5RPK
#
_cell.length_a   67.890
_cell.length_b   67.890
_cell.length_c   106.650
_cell.angle_alpha   90.000
_cell.angle_beta   90.000
_cell.angle_gamma   90.000
#
_symmetry.space_group_name_H-M   'P 43 21 2'
#
loop_
_entity.id
_entity.type
_entity.pdbx_description
1 polymer 'Proteinase K'
2 non-polymer 'SULFATE ION'
3 non-polymer piperidine-1-carboximidamide
4 water water
#
_entity_poly.entity_id   1
_entity_poly.type   'polypeptide(L)'
_entity_poly.pdbx_seq_one_letter_code
;AAQTNAPWGLARISSTSPGTSTYYYDESAGQGSCVYVIDTGIEASHPEFEGRAQMVKTYYYSSRDGNGHGTHCAGTVGSR
TYGVAKKTQLFGVKVLDDNGSGQYSTIIAGMDFVASDKNNRNCPKGVVASLSLGGGYSSSVNSAAARLQSSGVMVAVAAG
NNNADARNYSPASEPSVCTVGASDRYDRRSSFSNYGSVLDIFGPGTDILSTWIGGSTRSISGTSMATPHVAGLAAYLMTL
GKTTAASACRYIADTANKGDLSNIPFGTVNLLAYNNYQA
;
_entity_poly.pdbx_strand_id   A
#
loop_
_chem_comp.id
_chem_comp.type
_chem_comp.name
_chem_comp.formula
MRZ non-polymer piperidine-1-carboximidamide 'C6 H13 N3'
SO4 non-polymer 'SULFATE ION' 'O4 S -2'
#
# COMPACT_ATOMS: atom_id res chain seq x y z
N ALA A 1 -2.35 11.29 18.28
CA ALA A 1 -3.06 12.25 17.43
C ALA A 1 -4.44 11.72 17.08
N ALA A 2 -5.29 12.59 16.55
CA ALA A 2 -6.65 12.20 16.20
C ALA A 2 -7.14 13.06 15.06
N GLN A 3 -7.44 12.44 13.92
CA GLN A 3 -8.02 13.11 12.76
C GLN A 3 -9.52 12.82 12.75
N THR A 4 -10.33 13.83 13.05
CA THR A 4 -11.76 13.57 12.97
C THR A 4 -12.23 13.74 11.53
N ASN A 5 -13.39 13.14 11.24
CA ASN A 5 -13.94 13.08 9.88
C ASN A 5 -12.87 12.63 8.90
N ALA A 6 -12.17 11.57 9.29
CA ALA A 6 -11.19 10.93 8.45
C ALA A 6 -11.89 10.04 7.43
N PRO A 7 -11.25 9.77 6.30
CA PRO A 7 -11.77 8.72 5.41
C PRO A 7 -11.98 7.44 6.22
N TRP A 8 -13.02 6.67 5.84
CA TRP A 8 -13.39 5.52 6.66
C TRP A 8 -12.25 4.52 6.80
N GLY A 9 -11.40 4.40 5.78
CA GLY A 9 -10.32 3.43 5.86
C GLY A 9 -9.32 3.74 6.94
N LEU A 10 -8.90 5.01 7.05
CA LEU A 10 -8.01 5.44 8.12
C LEU A 10 -8.64 5.20 9.48
N ALA A 11 -9.91 5.60 9.64
CA ALA A 11 -10.59 5.33 10.89
C ALA A 11 -10.61 3.83 11.17
N ARG A 12 -10.84 3.02 10.13
CA ARG A 12 -10.98 1.57 10.32
C ARG A 12 -9.71 0.95 10.88
N ILE A 13 -8.54 1.37 10.39
CA ILE A 13 -7.27 0.76 10.77
C ILE A 13 -6.85 1.16 12.19
N SER A 14 -7.58 2.10 12.80
CA SER A 14 -7.30 2.53 14.17
C SER A 14 -8.43 2.17 15.14
N SER A 15 -9.30 1.24 14.76
CA SER A 15 -10.44 0.82 15.55
C SER A 15 -10.59 -0.70 15.54
N THR A 16 -11.18 -1.24 16.60
CA THR A 16 -11.57 -2.65 16.60
C THR A 16 -12.97 -2.85 16.05
N SER A 17 -13.71 -1.79 15.75
CA SER A 17 -15.06 -1.84 15.21
C SER A 17 -15.15 -0.97 13.96
N PRO A 18 -16.01 -1.33 13.01
CA PRO A 18 -16.26 -0.46 11.87
C PRO A 18 -17.22 0.67 12.24
N GLY A 19 -17.32 1.65 11.33
CA GLY A 19 -18.27 2.72 11.49
C GLY A 19 -17.79 3.95 12.25
N THR A 20 -16.54 3.99 12.67
CA THR A 20 -15.97 5.20 13.24
C THR A 20 -15.44 6.09 12.13
N SER A 21 -15.17 7.34 12.48
CA SER A 21 -14.67 8.31 11.51
C SER A 21 -13.51 9.12 12.07
N THR A 22 -12.92 8.68 13.17
CA THR A 22 -11.74 9.33 13.72
C THR A 22 -10.54 8.39 13.55
N TYR A 23 -9.47 8.92 12.97
CA TYR A 23 -8.21 8.19 12.81
C TYR A 23 -7.29 8.57 13.96
N TYR A 24 -7.13 7.65 14.92
CA TYR A 24 -6.20 7.81 16.04
C TYR A 24 -4.85 7.19 15.68
N TYR A 25 -3.77 7.92 15.93
CA TYR A 25 -2.46 7.45 15.50
C TYR A 25 -1.37 8.21 16.25
N ASP A 26 -0.22 7.54 16.40
CA ASP A 26 0.94 8.18 17.03
C ASP A 26 1.49 9.32 16.18
N GLU A 27 1.79 10.45 16.82
CA GLU A 27 2.18 11.67 16.12
C GLU A 27 3.51 11.55 15.36
N SER A 28 4.29 10.49 15.59
CA SER A 28 5.50 10.30 14.79
C SER A 28 5.14 10.14 13.32
N ALA A 29 4.00 9.50 13.04
CA ALA A 29 3.37 9.53 11.71
C ALA A 29 4.31 9.06 10.60
N GLY A 30 5.17 8.08 10.87
CA GLY A 30 6.07 7.59 9.84
C GLY A 30 7.22 8.50 9.45
N GLN A 31 7.50 9.53 10.25
CA GLN A 31 8.65 10.38 9.99
C GLN A 31 9.93 9.55 10.06
N GLY A 32 10.83 9.79 9.10
CA GLY A 32 12.04 9.02 9.00
C GLY A 32 11.95 7.78 8.13
N SER A 33 10.75 7.32 7.77
CA SER A 33 10.60 6.20 6.86
C SER A 33 10.42 6.70 5.43
N CYS A 34 10.52 5.78 4.48
CA CYS A 34 10.33 6.11 3.07
C CYS A 34 9.51 5.02 2.41
N VAL A 35 8.58 5.42 1.55
CA VAL A 35 7.73 4.47 0.83
C VAL A 35 7.88 4.74 -0.66
N TYR A 36 8.28 3.72 -1.41
CA TYR A 36 8.29 3.79 -2.86
C TYR A 36 6.92 3.34 -3.38
N VAL A 37 6.30 4.20 -4.19
CA VAL A 37 5.00 3.91 -4.80
C VAL A 37 5.29 3.58 -6.25
N ILE A 38 5.23 2.29 -6.57
CA ILE A 38 5.61 1.76 -7.88
C ILE A 38 4.31 1.65 -8.67
N ASP A 39 4.09 2.57 -9.60
CA ASP A 39 2.74 2.76 -10.14
C ASP A 39 2.76 3.64 -11.39
N THR A 40 1.73 4.47 -11.57
CA THR A 40 1.65 5.39 -12.71
C THR A 40 2.38 6.70 -12.46
N GLY A 41 3.06 6.83 -11.34
CA GLY A 41 3.68 8.09 -10.95
C GLY A 41 2.94 8.71 -9.78
N ILE A 42 3.45 9.87 -9.39
CA ILE A 42 2.88 10.68 -8.32
C ILE A 42 2.89 12.12 -8.75
N GLU A 43 1.77 12.82 -8.59
CA GLU A 43 1.75 14.27 -8.81
C GLU A 43 2.37 14.93 -7.57
N ALA A 44 3.70 15.05 -7.58
CA ALA A 44 4.41 15.52 -6.39
C ALA A 44 3.99 16.92 -5.96
N SER A 45 3.58 17.76 -6.91
CA SER A 45 3.20 19.13 -6.57
C SER A 45 1.88 19.21 -5.83
N HIS A 46 1.10 18.13 -5.76
CA HIS A 46 -0.17 18.19 -5.06
C HIS A 46 0.04 18.71 -3.64
N PRO A 47 -0.71 19.73 -3.21
CA PRO A 47 -0.49 20.28 -1.86
C PRO A 47 -0.61 19.25 -0.75
N GLU A 48 -1.43 18.22 -0.93
CA GLU A 48 -1.63 17.24 0.13
C GLU A 48 -0.36 16.44 0.47
N PHE A 49 0.66 16.50 -0.38
CA PHE A 49 1.91 15.81 -0.10
C PHE A 49 2.90 16.69 0.66
N GLU A 50 2.65 18.00 0.72
CA GLU A 50 3.43 18.93 1.54
C GLU A 50 4.90 18.89 1.19
N GLY A 51 5.21 18.68 -0.10
CA GLY A 51 6.60 18.60 -0.51
C GLY A 51 7.33 17.34 -0.08
N ARG A 52 6.61 16.34 0.43
CA ARG A 52 7.18 15.09 0.89
C ARG A 52 7.20 14.00 -0.18
N ALA A 53 6.75 14.31 -1.38
CA ALA A 53 6.69 13.35 -2.48
C ALA A 53 7.66 13.77 -3.57
N GLN A 54 8.30 12.78 -4.23
CA GLN A 54 9.14 13.13 -5.35
C GLN A 54 9.25 11.95 -6.28
N MET A 55 9.24 12.24 -7.57
CA MET A 55 9.50 11.23 -8.59
C MET A 55 10.99 10.95 -8.63
N VAL A 56 11.34 9.66 -8.66
CA VAL A 56 12.74 9.28 -8.74
C VAL A 56 13.04 8.47 -9.98
N LYS A 57 12.03 7.99 -10.71
CA LYS A 57 12.30 7.15 -11.87
C LYS A 57 11.05 7.04 -12.72
N THR A 58 11.23 7.05 -14.04
CA THR A 58 10.15 6.72 -14.94
C THR A 58 10.69 5.84 -16.06
N TYR A 59 9.80 5.02 -16.61
CA TYR A 59 10.09 4.15 -17.73
C TYR A 59 9.35 4.58 -18.99
N TYR A 60 8.75 5.76 -18.98
CA TYR A 60 7.97 6.26 -20.11
C TYR A 60 8.44 7.65 -20.51
N TYR A 61 7.74 8.24 -21.47
CA TYR A 61 8.13 9.53 -22.05
C TYR A 61 8.07 10.66 -21.04
N SER A 62 7.36 10.46 -19.94
CA SER A 62 7.24 11.48 -18.91
C SER A 62 7.26 10.84 -17.54
N SER A 63 7.67 11.64 -16.56
CA SER A 63 7.58 11.29 -15.16
C SER A 63 6.20 11.57 -14.58
N ARG A 64 5.38 12.33 -15.30
CA ARG A 64 4.08 12.78 -14.79
C ARG A 64 3.09 11.62 -14.69
N ASP A 65 2.25 11.68 -13.66
CA ASP A 65 1.10 10.79 -13.53
C ASP A 65 -0.03 11.37 -14.37
N GLY A 66 -0.21 10.84 -15.58
CA GLY A 66 -1.32 11.19 -16.46
C GLY A 66 -2.55 10.33 -16.23
N ASN A 67 -2.52 9.47 -15.22
CA ASN A 67 -3.65 8.62 -14.89
C ASN A 67 -4.37 9.07 -13.61
N GLY A 68 -3.66 9.17 -12.49
CA GLY A 68 -4.26 9.42 -11.20
C GLY A 68 -4.08 8.28 -10.22
N HIS A 69 -3.96 7.05 -10.73
CA HIS A 69 -3.91 5.87 -9.87
C HIS A 69 -2.73 5.92 -8.92
N GLY A 70 -1.53 6.21 -9.43
CA GLY A 70 -0.37 6.29 -8.56
C GLY A 70 -0.46 7.41 -7.53
N THR A 71 -0.99 8.56 -7.94
CA THR A 71 -1.21 9.66 -7.01
C THR A 71 -2.20 9.27 -5.91
N HIS A 72 -3.26 8.55 -6.29
CA HIS A 72 -4.25 8.10 -5.30
C HIS A 72 -3.63 7.14 -4.30
N CYS A 73 -2.85 6.17 -4.80
CA CYS A 73 -2.19 5.24 -3.90
C CYS A 73 -1.23 5.99 -2.98
N ALA A 74 -0.43 6.89 -3.57
CA ALA A 74 0.54 7.64 -2.80
C ALA A 74 -0.14 8.47 -1.73
N GLY A 75 -1.32 9.01 -2.03
CA GLY A 75 -2.08 9.75 -1.04
C GLY A 75 -2.57 8.90 0.12
N THR A 76 -2.89 7.63 -0.14
CA THR A 76 -3.29 6.78 0.97
C THR A 76 -2.10 6.38 1.81
N VAL A 77 -0.90 6.29 1.22
CA VAL A 77 0.28 6.04 2.03
C VAL A 77 0.57 7.21 2.96
N GLY A 78 0.63 8.42 2.41
CA GLY A 78 1.24 9.47 3.20
C GLY A 78 0.80 10.89 2.94
N SER A 79 -0.38 11.08 2.34
CA SER A 79 -0.83 12.46 2.23
C SER A 79 -1.36 12.96 3.56
N ARG A 80 -1.41 14.29 3.68
CA ARG A 80 -1.87 14.94 4.90
C ARG A 80 -3.23 14.44 5.36
N THR A 81 -4.23 14.53 4.50
CA THR A 81 -5.61 14.25 4.90
C THR A 81 -5.99 12.79 4.69
N TYR A 82 -5.44 12.14 3.69
CA TYR A 82 -5.87 10.81 3.29
C TYR A 82 -4.85 9.73 3.58
N GLY A 83 -3.73 10.06 4.21
CA GLY A 83 -2.62 9.14 4.37
C GLY A 83 -2.53 8.48 5.73
N VAL A 84 -2.01 7.25 5.73
CA VAL A 84 -1.79 6.52 6.97
C VAL A 84 -0.59 7.08 7.72
N ALA A 85 0.50 7.35 7.01
CA ALA A 85 1.77 7.77 7.59
C ALA A 85 2.02 9.18 7.09
N LYS A 86 1.53 10.16 7.84
CA LYS A 86 1.38 11.51 7.32
C LYS A 86 2.70 12.28 7.26
N LYS A 87 3.79 11.71 7.78
CA LYS A 87 5.11 12.33 7.70
C LYS A 87 6.14 11.46 6.97
N THR A 88 5.71 10.39 6.33
CA THR A 88 6.68 9.60 5.60
C THR A 88 7.15 10.35 4.36
N GLN A 89 8.26 9.88 3.80
CA GLN A 89 8.75 10.40 2.54
C GLN A 89 8.24 9.47 1.43
N LEU A 90 7.79 10.06 0.33
CA LEU A 90 7.23 9.31 -0.78
C LEU A 90 8.12 9.44 -2.01
N PHE A 91 8.46 8.30 -2.62
CA PHE A 91 9.25 8.23 -3.84
C PHE A 91 8.44 7.55 -4.93
N GLY A 92 8.30 8.22 -6.07
CA GLY A 92 7.50 7.71 -7.19
C GLY A 92 8.35 6.98 -8.22
N VAL A 93 7.89 5.80 -8.60
CA VAL A 93 8.52 5.02 -9.67
C VAL A 93 7.42 4.66 -10.68
N LYS A 94 7.50 5.24 -11.87
CA LYS A 94 6.45 5.09 -12.88
C LYS A 94 6.79 3.88 -13.74
N VAL A 95 6.21 2.73 -13.41
CA VAL A 95 6.31 1.53 -14.23
C VAL A 95 5.08 1.29 -15.08
N LEU A 96 3.98 1.98 -14.80
CA LEU A 96 2.74 1.87 -15.56
C LEU A 96 2.55 3.13 -16.38
N ASP A 97 2.02 2.97 -17.59
CA ASP A 97 1.79 4.14 -18.43
C ASP A 97 0.53 4.84 -17.98
N ASP A 98 0.13 5.88 -18.72
CA ASP A 98 -1.01 6.67 -18.29
C ASP A 98 -2.35 5.97 -18.49
N ASN A 99 -2.37 4.80 -19.14
CA ASN A 99 -3.55 3.96 -19.16
C ASN A 99 -3.56 2.93 -18.04
N GLY A 100 -2.54 2.93 -17.19
CA GLY A 100 -2.45 1.99 -16.10
C GLY A 100 -1.80 0.68 -16.46
N SER A 101 -1.29 0.52 -17.68
CA SER A 101 -0.69 -0.71 -18.15
C SER A 101 0.82 -0.65 -18.02
N GLY A 102 1.43 -1.82 -17.89
CA GLY A 102 2.87 -1.95 -17.89
C GLY A 102 3.29 -3.37 -18.24
N GLN A 103 4.35 -3.51 -19.03
CA GLN A 103 4.87 -4.83 -19.34
C GLN A 103 5.68 -5.34 -18.15
N TYR A 104 5.78 -6.67 -18.08
CA TYR A 104 6.38 -7.29 -16.90
C TYR A 104 7.85 -6.95 -16.76
N SER A 105 8.58 -6.86 -17.87
CA SER A 105 9.98 -6.50 -17.80
C SER A 105 10.19 -5.12 -17.20
N THR A 106 9.29 -4.17 -17.51
CA THR A 106 9.39 -2.83 -16.94
C THR A 106 9.11 -2.85 -15.43
N ILE A 107 8.08 -3.58 -15.01
CA ILE A 107 7.79 -3.75 -13.60
C ILE A 107 8.97 -4.37 -12.86
N ILE A 108 9.57 -5.42 -13.43
CA ILE A 108 10.75 -6.04 -12.83
C ILE A 108 11.90 -5.03 -12.73
N ALA A 109 12.13 -4.28 -13.80
CA ALA A 109 13.17 -3.25 -13.80
C ALA A 109 12.94 -2.22 -12.69
N GLY A 110 11.67 -1.84 -12.49
CA GLY A 110 11.37 -0.86 -11.45
C GLY A 110 11.64 -1.39 -10.06
N MET A 111 11.33 -2.66 -9.81
CA MET A 111 11.60 -3.26 -8.52
C MET A 111 13.10 -3.33 -8.25
N ASP A 112 13.88 -3.75 -9.25
CA ASP A 112 15.33 -3.77 -9.06
C ASP A 112 15.89 -2.36 -8.86
N PHE A 113 15.31 -1.36 -9.53
CA PHE A 113 15.74 0.01 -9.30
C PHE A 113 15.58 0.41 -7.85
N VAL A 114 14.42 0.09 -7.25
CA VAL A 114 14.17 0.49 -5.86
C VAL A 114 15.14 -0.21 -4.92
N ALA A 115 15.43 -1.49 -5.18
CA ALA A 115 16.37 -2.23 -4.32
C ALA A 115 17.73 -1.56 -4.29
N SER A 116 18.13 -0.95 -5.40
CA SER A 116 19.39 -0.24 -5.40
C SER A 116 19.22 1.21 -4.98
N ASP A 117 18.14 1.87 -5.43
CA ASP A 117 17.99 3.30 -5.19
C ASP A 117 17.91 3.62 -3.71
N LYS A 118 17.35 2.71 -2.91
CA LYS A 118 17.17 3.02 -1.51
C LYS A 118 18.51 3.25 -0.81
N ASN A 119 19.62 2.85 -1.44
CA ASN A 119 20.97 3.13 -0.94
C ASN A 119 21.46 4.53 -1.30
N ASN A 120 20.68 5.31 -2.06
CA ASN A 120 20.93 6.72 -2.27
C ASN A 120 20.16 7.62 -1.31
N ARG A 121 19.30 7.06 -0.46
CA ARG A 121 18.31 7.85 0.24
C ARG A 121 18.45 7.73 1.75
N ASN A 122 18.11 8.82 2.44
CA ASN A 122 18.13 8.90 3.89
C ASN A 122 16.78 8.43 4.42
N CYS A 123 16.69 7.14 4.75
CA CYS A 123 15.47 6.53 5.31
C CYS A 123 15.81 5.81 6.61
N PRO A 124 16.11 6.55 7.68
CA PRO A 124 16.65 5.91 8.89
C PRO A 124 15.69 4.94 9.55
N LYS A 125 14.38 5.10 9.39
CA LYS A 125 13.43 4.18 10.00
C LYS A 125 13.08 3.00 9.09
N GLY A 126 13.59 2.96 7.87
CA GLY A 126 13.36 1.84 6.98
C GLY A 126 12.58 2.24 5.74
N VAL A 127 12.47 1.27 4.84
CA VAL A 127 11.98 1.50 3.48
C VAL A 127 10.86 0.52 3.19
N VAL A 128 9.83 1.02 2.51
CA VAL A 128 8.65 0.27 2.13
C VAL A 128 8.46 0.47 0.63
N ALA A 129 7.93 -0.55 -0.03
CA ALA A 129 7.46 -0.40 -1.41
C ALA A 129 6.01 -0.83 -1.48
N SER A 130 5.17 -0.04 -2.13
CA SER A 130 3.76 -0.40 -2.29
C SER A 130 3.52 -0.64 -3.79
N LEU A 131 3.04 -1.83 -4.14
CA LEU A 131 2.87 -2.23 -5.54
C LEU A 131 1.39 -2.53 -5.77
N SER A 132 0.63 -1.52 -6.14
CA SER A 132 -0.78 -1.66 -6.46
C SER A 132 -0.94 -2.03 -7.94
N LEU A 133 -0.37 -3.19 -8.28
CA LEU A 133 -0.41 -3.65 -9.65
C LEU A 133 -0.25 -5.17 -9.67
N GLY A 134 -0.37 -5.74 -10.86
CA GLY A 134 -0.15 -7.15 -11.03
C GLY A 134 -0.72 -7.61 -12.35
N GLY A 135 -0.66 -8.91 -12.55
CA GLY A 135 -1.20 -9.54 -13.74
C GLY A 135 -1.13 -11.04 -13.56
N GLY A 136 -1.11 -11.77 -14.66
CA GLY A 136 -1.08 -13.21 -14.57
C GLY A 136 0.21 -13.72 -13.97
N TYR A 137 0.15 -14.95 -13.46
CA TYR A 137 1.29 -15.56 -12.78
C TYR A 137 2.55 -15.45 -13.60
N SER A 138 3.64 -15.04 -12.94
CA SER A 138 4.95 -14.97 -13.59
C SER A 138 6.00 -15.27 -12.54
N SER A 139 6.80 -16.32 -12.77
CA SER A 139 7.83 -16.59 -11.77
C SER A 139 8.87 -15.47 -11.74
N SER A 140 9.13 -14.81 -12.89
CA SER A 140 10.13 -13.74 -12.92
C SER A 140 9.62 -12.50 -12.19
N VAL A 141 8.32 -12.21 -12.29
CA VAL A 141 7.77 -11.08 -11.55
C VAL A 141 7.81 -11.37 -10.05
N ASN A 142 7.52 -12.62 -9.67
CA ASN A 142 7.56 -13.00 -8.25
C ASN A 142 8.97 -12.87 -7.70
N SER A 143 9.96 -13.39 -8.43
CA SER A 143 11.35 -13.30 -7.98
C SER A 143 11.78 -11.86 -7.83
N ALA A 144 11.31 -10.97 -8.73
CA ALA A 144 11.65 -9.57 -8.60
C ALA A 144 11.08 -9.00 -7.31
N ALA A 145 9.84 -9.35 -6.98
CA ALA A 145 9.28 -8.93 -5.71
C ALA A 145 10.09 -9.48 -4.55
N ALA A 146 10.49 -10.76 -4.65
CA ALA A 146 11.20 -11.40 -3.56
C ALA A 146 12.57 -10.78 -3.38
N ARG A 147 13.23 -10.43 -4.49
CA ARG A 147 14.52 -9.75 -4.43
C ARG A 147 14.38 -8.42 -3.71
N LEU A 148 13.34 -7.66 -4.05
CA LEU A 148 13.11 -6.38 -3.37
C LEU A 148 12.97 -6.58 -1.87
N GLN A 149 12.14 -7.56 -1.47
CA GLN A 149 11.95 -7.83 -0.05
C GLN A 149 13.26 -8.23 0.61
N SER A 150 14.01 -9.14 -0.05
CA SER A 150 15.30 -9.59 0.47
C SER A 150 16.30 -8.45 0.63
N SER A 151 16.22 -7.44 -0.24
CA SER A 151 17.18 -6.34 -0.14
C SER A 151 16.95 -5.44 1.07
N GLY A 152 15.87 -5.64 1.82
CA GLY A 152 15.61 -4.85 2.99
C GLY A 152 14.45 -3.88 2.88
N VAL A 153 13.53 -4.09 1.94
CA VAL A 153 12.36 -3.24 1.74
C VAL A 153 11.14 -4.05 2.12
N MET A 154 10.23 -3.46 2.87
CA MET A 154 8.96 -4.12 3.18
C MET A 154 8.08 -3.98 1.96
N VAL A 155 7.83 -5.08 1.25
CA VAL A 155 7.07 -5.07 0.00
C VAL A 155 5.62 -5.45 0.31
N ALA A 156 4.70 -4.59 -0.08
CA ALA A 156 3.28 -4.87 0.00
C ALA A 156 2.72 -4.84 -1.40
N VAL A 157 1.94 -5.87 -1.77
CA VAL A 157 1.40 -5.94 -3.13
C VAL A 157 -0.09 -6.22 -3.08
N ALA A 158 -0.79 -5.79 -4.13
CA ALA A 158 -2.23 -5.99 -4.20
C ALA A 158 -2.56 -7.44 -4.57
N ALA A 159 -3.59 -7.98 -3.93
CA ALA A 159 -4.04 -9.34 -4.25
C ALA A 159 -4.62 -9.45 -5.65
N GLY A 160 -5.19 -8.37 -6.19
CA GLY A 160 -5.87 -8.41 -7.46
C GLY A 160 -7.38 -8.37 -7.31
N ASN A 161 -8.05 -7.95 -8.39
CA ASN A 161 -9.47 -7.57 -8.38
C ASN A 161 -10.31 -8.49 -9.25
N ASN A 162 -9.99 -9.78 -9.23
CA ASN A 162 -10.65 -10.77 -10.08
C ASN A 162 -11.64 -11.65 -9.32
N ASN A 163 -11.87 -11.38 -8.04
CA ASN A 163 -12.68 -12.25 -7.19
C ASN A 163 -12.31 -13.72 -7.41
N ALA A 164 -11.01 -14.01 -7.27
CA ALA A 164 -10.49 -15.34 -7.57
C ALA A 164 -9.30 -15.61 -6.67
N ASP A 165 -8.75 -16.81 -6.79
CA ASP A 165 -7.60 -17.17 -5.97
C ASP A 165 -6.37 -16.44 -6.53
N ALA A 166 -5.72 -15.66 -5.67
CA ALA A 166 -4.58 -14.85 -6.06
C ALA A 166 -3.33 -15.68 -6.35
N ARG A 167 -3.36 -16.98 -6.06
CA ARG A 167 -2.25 -17.86 -6.45
C ARG A 167 -1.96 -17.77 -7.94
N ASN A 168 -2.92 -17.31 -8.74
CA ASN A 168 -2.77 -17.25 -10.18
C ASN A 168 -2.34 -15.87 -10.68
N TYR A 169 -1.88 -15.00 -9.79
CA TYR A 169 -1.51 -13.64 -10.16
C TYR A 169 -0.17 -13.31 -9.53
N SER A 170 0.55 -12.38 -10.17
CA SER A 170 1.86 -11.93 -9.70
C SER A 170 1.93 -10.41 -9.68
N PRO A 171 2.66 -9.82 -8.71
CA PRO A 171 3.43 -10.46 -7.66
C PRO A 171 2.59 -10.99 -6.50
N ALA A 172 1.25 -10.94 -6.59
CA ALA A 172 0.41 -11.39 -5.48
C ALA A 172 0.83 -12.75 -4.95
N SER A 173 1.16 -13.69 -5.85
CA SER A 173 1.41 -15.07 -5.43
C SER A 173 2.79 -15.28 -4.81
N GLU A 174 3.64 -14.26 -4.75
CA GLU A 174 4.98 -14.43 -4.15
C GLU A 174 4.85 -14.61 -2.64
N PRO A 175 5.30 -15.74 -2.08
CA PRO A 175 5.06 -15.98 -0.65
C PRO A 175 5.77 -15.01 0.28
N SER A 176 6.94 -14.46 -0.10
CA SER A 176 7.73 -13.68 0.84
C SER A 176 7.36 -12.20 0.93
N VAL A 177 6.48 -11.70 0.08
CA VAL A 177 6.01 -10.32 0.20
C VAL A 177 4.63 -10.33 0.85
N CYS A 178 4.13 -9.13 1.18
CA CYS A 178 2.87 -8.96 1.90
C CYS A 178 1.74 -8.73 0.90
N THR A 179 0.85 -9.72 0.74
CA THR A 179 -0.22 -9.65 -0.24
C THR A 179 -1.53 -9.21 0.41
N VAL A 180 -2.11 -8.13 -0.13
CA VAL A 180 -3.18 -7.38 0.55
C VAL A 180 -4.48 -7.53 -0.22
N GLY A 181 -5.52 -8.08 0.47
CA GLY A 181 -6.87 -8.06 -0.05
C GLY A 181 -7.64 -6.84 0.43
N ALA A 182 -8.85 -6.67 -0.11
CA ALA A 182 -9.62 -5.45 0.12
C ALA A 182 -10.91 -5.74 0.89
N SER A 183 -11.26 -4.80 1.77
CA SER A 183 -12.47 -4.85 2.56
C SER A 183 -13.25 -3.55 2.37
N ASP A 184 -14.55 -3.60 2.66
CA ASP A 184 -15.40 -2.42 2.60
C ASP A 184 -15.76 -1.94 4.00
N ARG A 185 -16.49 -0.82 4.05
CA ARG A 185 -16.69 -0.11 5.31
C ARG A 185 -17.58 -0.87 6.28
N TYR A 186 -18.27 -1.92 5.82
CA TYR A 186 -19.06 -2.78 6.67
C TYR A 186 -18.34 -4.08 7.01
N ASP A 187 -17.02 -4.11 6.86
CA ASP A 187 -16.18 -5.26 7.16
C ASP A 187 -16.54 -6.48 6.34
N ARG A 188 -17.02 -6.28 5.11
CA ARG A 188 -17.17 -7.38 4.17
C ARG A 188 -15.93 -7.42 3.28
N ARG A 189 -15.55 -8.61 2.83
CA ARG A 189 -14.55 -8.64 1.76
C ARG A 189 -15.11 -7.87 0.59
N SER A 190 -14.29 -7.00 -0.03
CA SER A 190 -14.77 -6.32 -1.22
C SER A 190 -15.14 -7.32 -2.31
N SER A 191 -16.17 -6.97 -3.08
CA SER A 191 -16.78 -7.93 -4.00
C SER A 191 -15.79 -8.42 -5.04
N PHE A 192 -14.83 -7.57 -5.40
CA PHE A 192 -13.83 -7.84 -6.41
C PHE A 192 -12.56 -8.43 -5.83
N SER A 193 -12.38 -8.40 -4.50
CA SER A 193 -11.09 -8.79 -3.94
C SER A 193 -10.76 -10.24 -4.24
N ASN A 194 -9.55 -10.46 -4.71
CA ASN A 194 -9.02 -11.82 -4.70
C ASN A 194 -8.88 -12.32 -3.26
N TYR A 195 -8.72 -13.63 -3.14
CA TYR A 195 -8.61 -14.31 -1.86
C TYR A 195 -7.57 -15.42 -2.04
N GLY A 196 -7.47 -16.30 -1.05
CA GLY A 196 -6.58 -17.43 -1.15
C GLY A 196 -5.55 -17.46 -0.04
N SER A 197 -4.91 -18.61 0.08
CA SER A 197 -3.93 -18.77 1.15
C SER A 197 -2.74 -17.83 0.99
N VAL A 198 -2.50 -17.32 -0.22
CA VAL A 198 -1.35 -16.43 -0.40
C VAL A 198 -1.58 -15.04 0.18
N LEU A 199 -2.83 -14.66 0.46
CA LEU A 199 -3.08 -13.39 1.12
C LEU A 199 -2.55 -13.42 2.54
N ASP A 200 -1.96 -12.30 2.94
CA ASP A 200 -1.48 -12.17 4.30
C ASP A 200 -2.34 -11.28 5.18
N ILE A 201 -3.14 -10.38 4.59
CA ILE A 201 -3.79 -9.32 5.35
C ILE A 201 -4.81 -8.66 4.44
N PHE A 202 -5.84 -8.06 5.04
CA PHE A 202 -6.79 -7.22 4.32
C PHE A 202 -6.66 -5.78 4.76
N GLY A 203 -6.97 -4.87 3.85
CA GLY A 203 -7.07 -3.48 4.22
C GLY A 203 -8.26 -2.86 3.51
N PRO A 204 -8.64 -1.65 3.91
CA PRO A 204 -9.79 -0.97 3.29
C PRO A 204 -9.56 -0.76 1.81
N GLY A 205 -10.52 -1.17 1.00
CA GLY A 205 -10.30 -1.11 -0.43
C GLY A 205 -11.50 -0.66 -1.24
N THR A 206 -12.67 -0.52 -0.61
CA THR A 206 -13.85 -0.07 -1.33
C THR A 206 -14.16 1.38 -0.97
N ASP A 207 -14.29 2.22 -1.99
CA ASP A 207 -14.71 3.61 -1.82
C ASP A 207 -13.70 4.38 -0.96
N ILE A 208 -12.48 4.47 -1.45
CA ILE A 208 -11.39 5.05 -0.69
C ILE A 208 -11.08 6.41 -1.25
N LEU A 209 -11.25 7.43 -0.42
CA LEU A 209 -10.99 8.81 -0.78
C LEU A 209 -9.51 9.10 -0.70
N SER A 210 -8.94 9.72 -1.73
CA SER A 210 -7.53 10.07 -1.67
C SER A 210 -7.24 11.17 -2.70
N THR A 211 -5.97 11.51 -2.84
CA THR A 211 -5.53 12.52 -3.80
C THR A 211 -5.73 12.03 -5.22
N TRP A 212 -5.88 12.97 -6.14
CA TRP A 212 -5.99 12.68 -7.57
C TRP A 212 -5.22 13.76 -8.31
N ILE A 213 -4.93 13.49 -9.58
CA ILE A 213 -4.15 14.45 -10.36
C ILE A 213 -4.98 15.70 -10.64
N GLY A 214 -4.28 16.78 -10.99
CA GLY A 214 -4.89 18.08 -11.07
C GLY A 214 -5.19 18.70 -9.72
N GLY A 215 -4.45 18.31 -8.69
CA GLY A 215 -4.65 18.86 -7.36
C GLY A 215 -6.00 18.54 -6.75
N SER A 216 -6.63 17.45 -7.17
CA SER A 216 -7.99 17.15 -6.77
C SER A 216 -8.01 15.93 -5.85
N THR A 217 -9.20 15.34 -5.70
CA THR A 217 -9.40 14.13 -4.90
C THR A 217 -10.52 13.32 -5.53
N ARG A 218 -10.54 12.03 -5.24
CA ARG A 218 -11.69 11.22 -5.58
C ARG A 218 -11.65 9.92 -4.79
N SER A 219 -12.77 9.21 -4.85
CA SER A 219 -12.93 7.94 -4.16
C SER A 219 -13.00 6.87 -5.22
N ILE A 220 -12.14 5.85 -5.12
CA ILE A 220 -12.16 4.73 -6.03
C ILE A 220 -11.94 3.46 -5.21
N SER A 221 -12.09 2.31 -5.86
CA SER A 221 -12.06 1.04 -5.17
C SER A 221 -11.05 0.10 -5.81
N GLY A 222 -10.47 -0.77 -5.00
CA GLY A 222 -9.60 -1.80 -5.51
C GLY A 222 -8.70 -2.32 -4.43
N THR A 223 -8.13 -3.51 -4.69
CA THR A 223 -7.04 -3.95 -3.81
C THR A 223 -5.86 -2.99 -3.96
N SER A 224 -5.81 -2.24 -5.06
CA SER A 224 -4.85 -1.16 -5.21
C SER A 224 -5.00 -0.09 -4.14
N MET A 225 -6.21 0.10 -3.59
CA MET A 225 -6.37 1.03 -2.48
C MET A 225 -6.10 0.40 -1.12
N ALA A 226 -6.29 -0.91 -0.99
CA ALA A 226 -5.96 -1.59 0.25
C ALA A 226 -4.46 -1.69 0.45
N THR A 227 -3.71 -1.91 -0.63
CA THR A 227 -2.27 -2.08 -0.52
C THR A 227 -1.58 -0.90 0.14
N PRO A 228 -1.85 0.36 -0.23
CA PRO A 228 -1.15 1.47 0.42
C PRO A 228 -1.55 1.71 1.86
N HIS A 229 -2.76 1.30 2.28
CA HIS A 229 -3.04 1.30 3.73
C HIS A 229 -2.03 0.45 4.48
N VAL A 230 -1.75 -0.75 3.97
CA VAL A 230 -0.79 -1.64 4.63
C VAL A 230 0.62 -1.08 4.51
N ALA A 231 1.00 -0.60 3.31
CA ALA A 231 2.33 -0.01 3.16
C ALA A 231 2.52 1.18 4.09
N GLY A 232 1.52 2.06 4.18
CA GLY A 232 1.61 3.17 5.12
C GLY A 232 1.64 2.70 6.55
N LEU A 233 0.86 1.65 6.87
CA LEU A 233 0.89 1.13 8.24
C LEU A 233 2.27 0.58 8.58
N ALA A 234 2.90 -0.10 7.63
CA ALA A 234 4.24 -0.63 7.90
C ALA A 234 5.22 0.50 8.15
N ALA A 235 5.20 1.54 7.31
CA ALA A 235 6.11 2.66 7.51
C ALA A 235 5.88 3.30 8.88
N TYR A 236 4.62 3.44 9.25
CA TYR A 236 4.25 3.97 10.56
C TYR A 236 4.80 3.10 11.68
N LEU A 237 4.63 1.78 11.57
CA LEU A 237 5.09 0.87 12.62
C LEU A 237 6.60 0.79 12.67
N MET A 238 7.28 0.89 11.52
CA MET A 238 8.74 0.85 11.53
C MET A 238 9.31 2.13 12.11
N THR A 239 8.61 3.25 11.97
CA THR A 239 9.04 4.49 12.61
C THR A 239 8.90 4.40 14.13
N LEU A 240 7.85 3.72 14.60
CA LEU A 240 7.65 3.50 16.03
C LEU A 240 8.62 2.46 16.59
N GLY A 241 9.41 1.81 15.74
CA GLY A 241 10.34 0.79 16.22
C GLY A 241 9.69 -0.51 16.63
N LYS A 242 8.43 -0.75 16.23
CA LYS A 242 7.72 -1.94 16.65
C LYS A 242 8.05 -3.15 15.79
N THR A 243 8.56 -2.93 14.58
CA THR A 243 8.93 -4.00 13.68
C THR A 243 9.96 -3.49 12.68
N THR A 244 10.39 -4.37 11.79
CA THR A 244 11.38 -4.10 10.77
C THR A 244 10.77 -4.39 9.40
N ALA A 245 11.54 -4.07 8.35
CA ALA A 245 11.10 -4.40 7.00
C ALA A 245 10.88 -5.89 6.83
N ALA A 246 11.76 -6.72 7.42
CA ALA A 246 11.65 -8.16 7.24
C ALA A 246 10.43 -8.75 7.95
N SER A 247 10.01 -8.17 9.07
CA SER A 247 8.99 -8.76 9.92
C SER A 247 7.67 -8.00 9.91
N ALA A 248 7.60 -6.86 9.22
CA ALA A 248 6.41 -6.01 9.29
C ALA A 248 5.15 -6.75 8.88
N CYS A 249 5.23 -7.55 7.82
CA CYS A 249 4.02 -8.23 7.36
C CYS A 249 3.53 -9.21 8.40
N ARG A 250 4.44 -10.02 8.97
CA ARG A 250 4.07 -10.90 10.07
C ARG A 250 3.58 -10.11 11.27
N TYR A 251 4.24 -9.01 11.60
CA TYR A 251 3.82 -8.21 12.74
C TYR A 251 2.41 -7.64 12.53
N ILE A 252 2.13 -7.16 11.30
CA ILE A 252 0.80 -6.63 11.02
C ILE A 252 -0.26 -7.73 11.07
N ALA A 253 0.08 -8.93 10.60
CA ALA A 253 -0.84 -10.06 10.73
C ALA A 253 -1.08 -10.41 12.20
N ASP A 254 -0.01 -10.42 13.01
CA ASP A 254 -0.11 -10.82 14.42
C ASP A 254 -0.96 -9.84 15.22
N THR A 255 -0.94 -8.57 14.85
CA THR A 255 -1.63 -7.51 15.58
C THR A 255 -2.92 -7.09 14.90
N ALA A 256 -3.34 -7.81 13.88
CA ALA A 256 -4.53 -7.43 13.12
C ALA A 256 -5.81 -7.65 13.93
N ASN A 257 -6.88 -7.00 13.50
CA ASN A 257 -8.21 -7.43 13.93
C ASN A 257 -8.54 -8.77 13.29
N LYS A 258 -8.91 -9.75 14.10
CA LYS A 258 -9.05 -11.13 13.66
C LYS A 258 -10.51 -11.56 13.67
N GLY A 259 -10.92 -12.24 12.61
CA GLY A 259 -12.24 -12.84 12.54
C GLY A 259 -13.40 -11.88 12.32
N ASP A 260 -13.12 -10.61 12.01
CA ASP A 260 -14.15 -9.58 11.93
C ASP A 260 -14.71 -9.39 10.53
N LEU A 261 -14.07 -9.94 9.51
CA LEU A 261 -14.52 -9.75 8.15
C LEU A 261 -15.51 -10.84 7.76
N SER A 262 -16.42 -10.49 6.87
CA SER A 262 -17.38 -11.44 6.36
C SER A 262 -17.05 -11.79 4.92
N ASN A 263 -17.64 -12.89 4.46
CA ASN A 263 -17.45 -13.45 3.11
C ASN A 263 -15.98 -13.70 2.80
N ILE A 264 -15.26 -14.21 3.79
CA ILE A 264 -13.91 -14.72 3.60
C ILE A 264 -14.00 -16.22 3.33
N PRO A 265 -13.48 -16.71 2.21
CA PRO A 265 -13.53 -18.14 1.93
C PRO A 265 -12.63 -18.94 2.85
N PHE A 266 -13.00 -20.20 3.10
CA PHE A 266 -12.18 -21.07 3.92
C PHE A 266 -10.80 -21.23 3.28
N GLY A 267 -9.75 -21.06 4.09
CA GLY A 267 -8.38 -21.07 3.62
C GLY A 267 -7.77 -19.70 3.39
N THR A 268 -8.54 -18.63 3.52
CA THR A 268 -8.08 -17.25 3.36
C THR A 268 -8.09 -16.61 4.74
N VAL A 269 -7.00 -15.91 5.10
CA VAL A 269 -6.92 -15.31 6.43
C VAL A 269 -8.05 -14.30 6.63
N ASN A 270 -8.52 -14.24 7.87
CA ASN A 270 -9.50 -13.24 8.31
C ASN A 270 -8.74 -12.30 9.23
N LEU A 271 -8.03 -11.35 8.63
CA LEU A 271 -7.17 -10.43 9.34
C LEU A 271 -7.27 -9.06 8.67
N LEU A 272 -7.54 -8.04 9.48
CA LEU A 272 -7.74 -6.70 8.99
C LEU A 272 -6.73 -5.79 9.66
N ALA A 273 -5.99 -5.01 8.85
CA ALA A 273 -4.86 -4.24 9.34
C ALA A 273 -5.29 -3.28 10.44
N TYR A 274 -4.44 -3.15 11.46
CA TYR A 274 -4.84 -2.44 12.67
C TYR A 274 -3.60 -1.91 13.36
N ASN A 275 -3.62 -0.62 13.74
CA ASN A 275 -2.41 0.01 14.28
C ASN A 275 -2.27 -0.14 15.79
N ASN A 276 -3.32 -0.62 16.45
CA ASN A 276 -3.36 -0.86 17.90
C ASN A 276 -2.80 0.35 18.66
N TYR A 277 -3.16 1.53 18.20
CA TYR A 277 -2.67 2.75 18.83
C TYR A 277 -3.44 3.00 20.13
N GLN A 278 -2.71 3.16 21.22
CA GLN A 278 -3.32 3.35 22.53
C GLN A 278 -2.84 4.72 23.02
N ALA A 279 -3.72 5.71 22.94
CA ALA A 279 -3.37 7.08 23.30
C ALA A 279 -3.20 7.23 24.81
S SO4 B . -15.95 8.12 3.53
O1 SO4 B . -16.33 7.29 2.37
O2 SO4 B . -16.53 7.51 4.73
O3 SO4 B . -14.49 8.14 3.69
O4 SO4 B . -16.45 9.46 3.34
C1 MRZ C . -5.79 15.90 12.88
C6 MRZ C . -6.88 16.44 12.04
C5 MRZ C . -6.78 16.37 10.52
N4 MRZ C . -5.54 15.78 9.92
C3 MRZ C . -4.79 14.84 10.84
C2 MRZ C . -4.57 15.40 12.24
C7 MRZ C . -5.11 16.09 8.59
N8 MRZ C . -3.90 15.49 8.08
N9 MRZ C . -5.80 16.88 7.88
#